data_1W2U
#
_entry.id   1W2U
#
_cell.length_a   49.345
_cell.length_b   49.345
_cell.length_c   165.962
_cell.angle_alpha   90.00
_cell.angle_beta   90.00
_cell.angle_gamma   90.00
#
_symmetry.space_group_name_H-M   'P 43 21 2'
#
loop_
_entity.id
_entity.type
_entity.pdbx_description
1 polymer ENDOGLUCANASE
2 branched beta-D-glucopyranose-(1-4)-beta-D-glucopyranose-(1-4)-beta-D-glucopyranose-(1-4)-beta-D-glucopyranose
3 non-polymer 'SULFATE ION'
4 non-polymer 'TETRAETHYLENE GLYCOL'
5 water water
#
_entity_poly.entity_id   1
_entity_poly.type   'polypeptide(L)'
_entity_poly.pdbx_seq_one_letter_code
;(PCA)IRSLCELYGYWSGNGYELLNNLWGKDTATSGWQCTYLDGTNNGGIQWSTAWEWQGAPDNVKSYPYVGKQIQRGRK
ISDINSMRTSVSWTYDRTDIRANVAYDVFTARDPDHPNWGGDYELMIWLARYGGIYPIGTFHSQVNLAGRTWDLWTGYNG
NMRVYSFLPPSGDIRDFSCDIKDFFNYLERNHGYPAREQNLIVYQVGTECFTGGPARFTCRDFRADLW
;
_entity_poly.pdbx_strand_id   A
#
loop_
_chem_comp.id
_chem_comp.type
_chem_comp.name
_chem_comp.formula
BGC D-saccharide, beta linking beta-D-glucopyranose 'C6 H12 O6'
PG4 non-polymer 'TETRAETHYLENE GLYCOL' 'C8 H18 O5'
SO4 non-polymer 'SULFATE ION' 'O4 S -2'
#
# COMPACT_ATOMS: atom_id res chain seq x y z
N PCA A 1 -5.45 5.41 -21.96
CA PCA A 1 -6.14 5.17 -20.66
CB PCA A 1 -5.58 6.09 -19.58
CG PCA A 1 -4.83 7.19 -20.31
CD PCA A 1 -4.77 6.68 -21.72
OE PCA A 1 -4.16 7.31 -22.58
C PCA A 1 -7.63 5.41 -20.77
O PCA A 1 -8.09 6.25 -21.55
N ILE A 2 -8.39 4.68 -19.95
CA ILE A 2 -9.84 4.86 -19.87
C ILE A 2 -10.20 6.15 -19.16
N ARG A 3 -9.51 6.44 -18.06
CA ARG A 3 -9.74 7.61 -17.21
C ARG A 3 -8.39 8.19 -16.82
N SER A 4 -8.28 9.51 -16.80
CA SER A 4 -7.08 10.22 -16.34
C SER A 4 -7.45 11.03 -15.10
N LEU A 5 -6.89 10.65 -13.96
CA LEU A 5 -7.17 11.26 -12.67
C LEU A 5 -5.99 12.13 -12.29
N CYS A 6 -5.95 13.33 -12.86
CA CYS A 6 -4.82 14.23 -12.65
C CYS A 6 -5.11 15.31 -11.62
N GLU A 7 -6.35 15.44 -11.19
CA GLU A 7 -6.68 16.36 -10.12
C GLU A 7 -6.21 15.84 -8.77
N LEU A 8 -5.97 16.75 -7.83
CA LEU A 8 -5.70 16.37 -6.46
C LEU A 8 -6.91 15.58 -5.95
N TYR A 9 -6.65 14.35 -5.50
CA TYR A 9 -7.69 13.42 -5.08
C TYR A 9 -8.71 13.05 -6.17
N GLY A 10 -8.27 13.07 -7.43
CA GLY A 10 -9.06 12.54 -8.50
C GLY A 10 -9.39 11.09 -8.20
N TYR A 11 -10.64 10.70 -8.44
CA TYR A 11 -11.16 9.43 -7.95
C TYR A 11 -12.02 8.70 -8.97
N TRP A 12 -11.88 7.38 -9.00
CA TRP A 12 -12.73 6.48 -9.77
C TRP A 12 -13.13 5.30 -8.90
N SER A 13 -14.30 4.75 -9.16
CA SER A 13 -14.66 3.47 -8.57
C SER A 13 -15.49 2.65 -9.53
N GLY A 14 -15.39 1.34 -9.39
CA GLY A 14 -16.12 0.41 -10.23
C GLY A 14 -15.66 -1.02 -10.00
N ASN A 15 -16.56 -1.98 -10.24
CA ASN A 15 -16.21 -3.38 -10.12
C ASN A 15 -15.70 -3.77 -8.71
N GLY A 16 -16.09 -3.01 -7.70
CA GLY A 16 -15.69 -3.28 -6.33
C GLY A 16 -14.31 -2.76 -5.95
N TYR A 17 -13.74 -1.95 -6.84
CA TYR A 17 -12.43 -1.33 -6.63
C TYR A 17 -12.54 0.18 -6.66
N GLU A 18 -11.49 0.87 -6.22
CA GLU A 18 -11.41 2.31 -6.35
C GLU A 18 -9.97 2.71 -6.65
N LEU A 19 -9.81 3.89 -7.22
CA LEU A 19 -8.51 4.40 -7.62
C LEU A 19 -8.44 5.85 -7.21
N LEU A 20 -7.33 6.29 -6.62
CA LEU A 20 -7.22 7.66 -6.13
C LEU A 20 -5.87 8.30 -6.43
N ASN A 21 -5.88 9.49 -7.01
CA ASN A 21 -4.67 10.30 -7.20
C ASN A 21 -4.36 10.99 -5.87
N ASN A 22 -3.79 10.20 -4.96
CA ASN A 22 -3.74 10.48 -3.55
C ASN A 22 -2.49 11.26 -3.22
N LEU A 23 -2.45 12.54 -3.60
CA LEU A 23 -1.25 13.37 -3.42
C LEU A 23 -1.29 14.07 -2.05
N TRP A 24 -1.38 13.26 -1.00
CA TRP A 24 -1.68 13.75 0.33
C TRP A 24 -0.60 14.62 0.95
N GLY A 25 0.64 14.47 0.48
CA GLY A 25 1.75 15.25 0.99
C GLY A 25 2.32 16.25 0.00
N LYS A 26 1.59 16.59 -1.07
CA LYS A 26 2.17 17.38 -2.16
C LYS A 26 2.54 18.81 -1.75
N ASP A 27 1.96 19.32 -0.68
CA ASP A 27 2.29 20.69 -0.27
C ASP A 27 3.71 20.81 0.30
N THR A 28 4.34 19.68 0.65
CA THR A 28 5.75 19.67 1.05
C THR A 28 6.73 19.66 -0.14
N ALA A 29 6.22 19.47 -1.36
CA ALA A 29 7.05 19.52 -2.57
C ALA A 29 7.36 20.98 -2.93
N THR A 30 8.57 21.20 -3.43
CA THR A 30 8.96 22.49 -4.02
C THR A 30 8.62 22.61 -5.51
N SER A 31 8.46 21.48 -6.18
CA SER A 31 7.95 21.45 -7.55
C SER A 31 7.44 20.06 -7.87
N GLY A 32 6.59 19.97 -8.89
CA GLY A 32 6.19 18.71 -9.47
C GLY A 32 4.69 18.46 -9.41
N TRP A 33 4.30 17.34 -10.00
CA TRP A 33 2.92 16.91 -10.02
C TRP A 33 2.88 15.44 -10.39
N GLN A 34 1.68 14.90 -10.42
CA GLN A 34 1.46 13.48 -10.58
C GLN A 34 0.04 13.24 -11.08
N CYS A 35 -0.10 12.27 -11.97
CA CYS A 35 -1.41 11.82 -12.44
C CYS A 35 -1.52 10.32 -12.30
N THR A 36 -2.74 9.85 -12.09
CA THR A 36 -3.05 8.42 -11.97
C THR A 36 -4.02 8.04 -13.07
N TYR A 37 -3.75 6.93 -13.75
CA TYR A 37 -4.48 6.54 -14.95
C TYR A 37 -5.14 5.19 -14.73
N LEU A 38 -6.43 5.08 -15.04
CA LEU A 38 -7.10 3.80 -15.13
C LEU A 38 -6.89 3.28 -16.53
N ASP A 39 -6.14 2.19 -16.67
CA ASP A 39 -5.82 1.62 -17.98
C ASP A 39 -6.80 0.53 -18.41
N GLY A 40 -7.39 -0.17 -17.45
CA GLY A 40 -8.31 -1.26 -17.77
C GLY A 40 -8.95 -1.84 -16.53
N THR A 41 -10.07 -2.54 -16.71
CA THR A 41 -10.71 -3.31 -15.64
C THR A 41 -10.98 -4.74 -16.14
N ASN A 42 -9.96 -5.34 -16.73
CA ASN A 42 -10.08 -6.64 -17.37
C ASN A 42 -9.90 -7.79 -16.41
N ASN A 43 -10.61 -8.89 -16.67
CA ASN A 43 -10.43 -10.18 -15.99
C ASN A 43 -10.53 -10.19 -14.45
N GLY A 44 -11.47 -9.43 -13.90
CA GLY A 44 -11.66 -9.32 -12.45
C GLY A 44 -10.62 -8.50 -11.70
N GLY A 45 -9.75 -7.84 -12.45
CA GLY A 45 -8.72 -7.00 -11.84
C GLY A 45 -8.75 -5.60 -12.37
N ILE A 46 -7.75 -4.83 -11.96
CA ILE A 46 -7.56 -3.46 -12.38
C ILE A 46 -6.17 -3.30 -12.94
N GLN A 47 -6.08 -2.60 -14.07
CA GLN A 47 -4.83 -2.22 -14.68
C GLN A 47 -4.74 -0.71 -14.62
N TRP A 48 -3.61 -0.20 -14.12
CA TRP A 48 -3.51 1.23 -13.87
C TRP A 48 -2.06 1.66 -13.85
N SER A 49 -1.84 2.97 -13.82
CA SER A 49 -0.49 3.50 -13.80
CA SER A 49 -0.48 3.52 -13.86
C SER A 49 -0.46 4.88 -13.17
N THR A 50 0.73 5.34 -12.82
CA THR A 50 0.88 6.71 -12.37
C THR A 50 2.23 7.28 -12.78
N ALA A 51 2.20 8.49 -13.30
CA ALA A 51 3.39 9.22 -13.74
C ALA A 51 3.59 10.42 -12.84
N TRP A 52 4.85 10.72 -12.51
CA TRP A 52 5.12 11.77 -11.55
C TRP A 52 6.52 12.31 -11.61
N GLU A 53 6.67 13.52 -11.08
CA GLU A 53 7.98 14.08 -10.76
C GLU A 53 7.80 14.97 -9.54
N TRP A 54 8.68 14.82 -8.56
CA TRP A 54 8.61 15.64 -7.33
C TRP A 54 10.01 16.06 -6.91
N GLN A 55 10.11 17.28 -6.40
CA GLN A 55 11.31 17.77 -5.75
C GLN A 55 10.98 18.32 -4.38
N GLY A 56 11.99 18.33 -3.51
CA GLY A 56 11.84 18.90 -2.18
C GLY A 56 11.52 17.88 -1.11
N ALA A 57 11.99 18.13 0.12
CA ALA A 57 11.61 17.37 1.31
C ALA A 57 11.73 15.86 1.13
N PRO A 58 12.97 15.38 0.99
CA PRO A 58 13.21 13.99 0.60
C PRO A 58 12.73 12.91 1.59
N ASP A 59 12.45 13.28 2.84
CA ASP A 59 11.88 12.35 3.82
C ASP A 59 10.36 12.39 3.91
N ASN A 60 9.73 13.28 3.15
CA ASN A 60 8.29 13.45 3.12
C ASN A 60 7.68 12.77 1.92
N VAL A 61 6.73 11.88 2.19
CA VAL A 61 5.92 11.30 1.13
C VAL A 61 5.10 12.42 0.51
N LYS A 62 5.12 12.53 -0.81
CA LYS A 62 4.26 13.48 -1.52
C LYS A 62 2.93 12.85 -1.86
N SER A 63 2.94 11.54 -2.11
CA SER A 63 1.77 10.85 -2.60
C SER A 63 1.82 9.36 -2.33
N TYR A 64 0.64 8.75 -2.36
CA TYR A 64 0.48 7.31 -2.39
C TYR A 64 -0.73 7.01 -3.28
N PRO A 65 -0.61 7.19 -4.60
CA PRO A 65 -1.70 6.78 -5.47
C PRO A 65 -1.91 5.30 -5.27
N TYR A 66 -3.15 4.87 -5.23
CA TYR A 66 -3.48 3.49 -4.96
C TYR A 66 -4.70 3.02 -5.68
N VAL A 67 -4.76 1.71 -5.83
CA VAL A 67 -5.99 0.99 -6.09
C VAL A 67 -6.40 0.31 -4.79
N GLY A 68 -7.68 0.41 -4.47
CA GLY A 68 -8.21 -0.20 -3.26
C GLY A 68 -9.32 -1.16 -3.53
N LYS A 69 -9.40 -2.22 -2.74
CA LYS A 69 -10.55 -3.12 -2.75
C LYS A 69 -11.59 -2.49 -1.81
N GLN A 70 -12.79 -2.18 -2.32
CA GLN A 70 -13.82 -1.64 -1.45
C GLN A 70 -14.27 -2.72 -0.47
N ILE A 71 -14.47 -2.31 0.76
CA ILE A 71 -14.85 -3.22 1.83
C ILE A 71 -15.95 -2.59 2.68
N GLN A 72 -16.73 -3.45 3.29
CA GLN A 72 -17.79 -3.06 4.20
C GLN A 72 -17.22 -2.84 5.57
N ARG A 73 -17.66 -1.79 6.23
CA ARG A 73 -17.18 -1.49 7.56
C ARG A 73 -17.68 -2.52 8.58
N GLY A 74 -16.93 -2.65 9.67
CA GLY A 74 -17.35 -3.48 10.80
C GLY A 74 -16.92 -4.92 10.76
N ARG A 75 -15.95 -5.25 9.90
CA ARG A 75 -15.40 -6.59 9.83
C ARG A 75 -14.15 -6.70 10.67
N LYS A 76 -14.24 -7.46 11.75
CA LYS A 76 -13.08 -7.70 12.60
C LYS A 76 -12.06 -8.52 11.86
N ILE A 77 -10.79 -8.20 12.06
CA ILE A 77 -9.72 -8.92 11.36
C ILE A 77 -9.77 -10.41 11.69
N SER A 78 -10.12 -10.73 12.94
CA SER A 78 -10.24 -12.11 13.37
C SER A 78 -11.36 -12.85 12.62
N ASP A 79 -12.34 -12.11 12.12
CA ASP A 79 -13.48 -12.69 11.38
C ASP A 79 -13.30 -12.69 9.86
N ILE A 80 -12.14 -12.26 9.39
CA ILE A 80 -11.77 -12.35 7.98
C ILE A 80 -10.85 -13.56 7.82
N ASN A 81 -11.26 -14.55 7.05
CA ASN A 81 -10.47 -15.76 6.88
C ASN A 81 -9.28 -15.59 5.95
N SER A 82 -9.48 -14.80 4.90
CA SER A 82 -8.52 -14.70 3.82
CA SER A 82 -8.51 -14.70 3.82
C SER A 82 -8.58 -13.34 3.13
N MET A 83 -7.41 -12.83 2.74
CA MET A 83 -7.28 -11.60 1.96
C MET A 83 -6.29 -11.91 0.83
N ARG A 84 -6.75 -12.64 -0.18
CA ARG A 84 -5.89 -13.10 -1.26
C ARG A 84 -5.77 -12.01 -2.32
N THR A 85 -4.55 -11.70 -2.69
CA THR A 85 -4.29 -10.62 -3.60
C THR A 85 -3.06 -10.91 -4.45
N SER A 86 -3.04 -10.38 -5.65
CA SER A 86 -1.87 -10.46 -6.51
C SER A 86 -1.67 -9.15 -7.23
N VAL A 87 -0.41 -8.86 -7.55
CA VAL A 87 -0.05 -7.67 -8.27
C VAL A 87 1.14 -7.92 -9.17
N SER A 88 1.11 -7.33 -10.35
CA SER A 88 2.19 -7.35 -11.30
C SER A 88 2.46 -5.90 -11.69
N TRP A 89 3.70 -5.44 -11.55
CA TRP A 89 4.01 -4.05 -11.79
C TRP A 89 5.42 -3.85 -12.33
N THR A 90 5.66 -2.67 -12.87
CA THR A 90 7.00 -2.21 -13.24
C THR A 90 7.16 -0.74 -12.89
N TYR A 91 8.40 -0.34 -12.65
CA TYR A 91 8.82 1.05 -12.66
C TYR A 91 9.78 1.23 -13.83
N ASP A 92 9.68 2.37 -14.50
CA ASP A 92 10.55 2.62 -15.65
C ASP A 92 11.97 3.04 -15.27
N ARG A 93 12.19 3.35 -14.00
CA ARG A 93 13.50 3.68 -13.46
C ARG A 93 13.49 3.43 -11.96
N THR A 94 14.67 3.25 -11.36
CA THR A 94 14.77 3.03 -9.93
C THR A 94 15.63 4.06 -9.21
N ASP A 95 16.15 5.05 -9.95
CA ASP A 95 16.91 6.15 -9.34
C ASP A 95 15.97 7.25 -8.84
N ILE A 96 15.12 6.84 -7.92
CA ILE A 96 14.04 7.66 -7.36
C ILE A 96 13.90 7.29 -5.90
N ARG A 97 13.32 8.17 -5.10
CA ARG A 97 12.97 7.83 -3.73
C ARG A 97 11.50 7.50 -3.73
N ALA A 98 11.21 6.20 -3.66
CA ALA A 98 9.86 5.68 -3.79
C ALA A 98 9.81 4.23 -3.35
N ASN A 99 8.62 3.76 -3.03
CA ASN A 99 8.37 2.33 -2.84
C ASN A 99 7.20 1.88 -3.71
N VAL A 100 6.95 0.58 -3.66
CA VAL A 100 5.67 -0.02 -4.04
C VAL A 100 5.24 -0.75 -2.77
N ALA A 101 3.97 -0.64 -2.38
CA ALA A 101 3.55 -1.24 -1.13
C ALA A 101 2.05 -1.44 -1.07
N TYR A 102 1.68 -2.55 -0.44
CA TYR A 102 0.33 -2.73 0.10
C TYR A 102 0.19 -1.89 1.36
N ASP A 103 -0.99 -1.33 1.54
CA ASP A 103 -1.30 -0.52 2.73
C ASP A 103 -2.65 -1.00 3.27
N VAL A 104 -2.70 -1.32 4.55
CA VAL A 104 -3.91 -1.78 5.21
C VAL A 104 -4.03 -1.02 6.52
N PHE A 105 -5.17 -0.39 6.77
CA PHE A 105 -5.44 0.27 8.06
C PHE A 105 -6.50 -0.53 8.78
N THR A 106 -6.39 -0.60 10.11
CA THR A 106 -7.45 -1.16 10.96
C THR A 106 -7.69 -0.22 12.12
N ALA A 107 -8.90 -0.29 12.70
CA ALA A 107 -9.24 0.56 13.84
C ALA A 107 -10.31 -0.12 14.67
N ARG A 108 -10.26 0.14 15.98
CA ARG A 108 -11.29 -0.36 16.88
C ARG A 108 -12.63 0.32 16.57
N ASP A 109 -12.59 1.58 16.16
CA ASP A 109 -13.77 2.30 15.71
C ASP A 109 -14.01 1.91 14.26
N PRO A 110 -15.07 1.17 13.96
CA PRO A 110 -15.30 0.71 12.57
C PRO A 110 -15.57 1.84 11.59
N ASP A 111 -15.92 3.02 12.10
CA ASP A 111 -16.17 4.18 11.25
C ASP A 111 -14.99 5.12 11.17
N HIS A 112 -13.80 4.65 11.57
CA HIS A 112 -12.58 5.45 11.44
C HIS A 112 -12.46 5.90 9.98
N PRO A 113 -12.14 7.17 9.73
CA PRO A 113 -11.86 7.58 8.35
C PRO A 113 -10.72 6.82 7.67
N ASN A 114 -10.74 6.84 6.34
N ASN A 114 -10.74 6.81 6.34
CA ASN A 114 -9.84 6.00 5.54
CA ASN A 114 -9.84 5.98 5.55
C ASN A 114 -8.41 6.49 5.49
C ASN A 114 -8.40 6.49 5.47
N TRP A 115 -8.13 7.67 6.04
CA TRP A 115 -6.76 8.21 6.06
C TRP A 115 -5.82 7.56 7.09
N GLY A 116 -6.35 6.67 7.95
CA GLY A 116 -5.52 6.07 8.97
C GLY A 116 -6.30 5.07 9.80
N GLY A 117 -5.77 4.76 10.97
CA GLY A 117 -6.38 3.83 11.89
C GLY A 117 -5.56 3.72 13.16
N ASP A 118 -5.92 2.74 13.98
CA ASP A 118 -5.13 2.37 15.15
C ASP A 118 -3.82 1.66 14.75
N TYR A 119 -3.88 0.89 13.67
CA TYR A 119 -2.74 0.12 13.16
C TYR A 119 -2.68 0.23 11.66
N GLU A 120 -1.47 0.12 11.15
CA GLU A 120 -1.18 0.07 9.73
C GLU A 120 -0.27 -1.12 9.47
N LEU A 121 -0.63 -1.89 8.46
CA LEU A 121 0.16 -3.01 7.98
C LEU A 121 0.56 -2.70 6.53
N MET A 122 1.87 -2.62 6.29
CA MET A 122 2.38 -2.42 4.94
C MET A 122 3.19 -3.61 4.50
N ILE A 123 3.11 -3.93 3.21
CA ILE A 123 3.95 -4.95 2.60
C ILE A 123 4.64 -4.27 1.43
N TRP A 124 5.93 -3.97 1.61
CA TRP A 124 6.69 -3.28 0.58
C TRP A 124 7.24 -4.29 -0.44
N LEU A 125 7.08 -3.95 -1.72
CA LEU A 125 7.60 -4.74 -2.83
C LEU A 125 8.77 -4.06 -3.53
N ALA A 126 9.07 -2.84 -3.13
CA ALA A 126 10.21 -2.09 -3.68
C ALA A 126 10.62 -1.06 -2.64
N ARG A 127 11.90 -0.72 -2.66
CA ARG A 127 12.47 0.24 -1.73
C ARG A 127 13.61 0.93 -2.47
N TYR A 128 13.29 2.05 -3.10
CA TYR A 128 14.23 2.73 -3.99
C TYR A 128 14.74 4.00 -3.34
N GLY A 129 16.00 4.33 -3.64
CA GLY A 129 16.56 5.64 -3.36
C GLY A 129 16.99 5.87 -1.93
N GLY A 130 17.06 4.80 -1.16
CA GLY A 130 17.52 4.84 0.21
C GLY A 130 16.50 5.23 1.27
N ILE A 131 15.22 5.16 0.93
CA ILE A 131 14.18 5.48 1.89
C ILE A 131 14.06 4.44 3.00
N TYR A 132 13.43 4.85 4.09
CA TYR A 132 13.15 3.97 5.23
C TYR A 132 11.65 3.93 5.46
N PRO A 133 11.14 2.83 6.02
CA PRO A 133 9.77 2.79 6.51
C PRO A 133 9.71 3.48 7.86
N ILE A 134 8.52 3.55 8.44
CA ILE A 134 8.34 4.01 9.81
C ILE A 134 9.07 3.10 10.77
N GLY A 135 9.75 3.69 11.75
CA GLY A 135 10.26 2.94 12.87
C GLY A 135 11.66 2.34 12.71
N THR A 136 11.82 1.16 13.27
CA THR A 136 13.11 0.46 13.35
C THR A 136 12.96 -1.01 13.01
N PHE A 137 14.06 -1.63 12.58
CA PHE A 137 14.07 -3.06 12.32
C PHE A 137 13.75 -3.87 13.57
N HIS A 138 12.86 -4.84 13.41
CA HIS A 138 12.39 -5.68 14.49
C HIS A 138 12.99 -7.07 14.43
N SER A 139 12.80 -7.73 13.30
CA SER A 139 13.11 -9.16 13.16
C SER A 139 12.82 -9.59 11.72
N GLN A 140 13.30 -10.77 11.35
CA GLN A 140 12.96 -11.36 10.08
C GLN A 140 11.81 -12.32 10.27
N VAL A 141 11.05 -12.48 9.19
N VAL A 141 10.99 -12.45 9.23
CA VAL A 141 9.76 -13.17 9.18
CA VAL A 141 9.83 -13.32 9.29
C VAL A 141 9.63 -13.97 7.88
C VAL A 141 9.60 -13.97 7.92
N ASN A 142 9.22 -15.23 7.96
CA ASN A 142 8.96 -16.03 6.77
C ASN A 142 7.46 -16.10 6.51
N LEU A 143 7.02 -15.44 5.44
CA LEU A 143 5.64 -15.42 5.00
C LEU A 143 5.56 -15.33 3.48
N ALA A 144 4.51 -15.90 2.91
CA ALA A 144 4.24 -15.76 1.48
C ALA A 144 5.37 -16.26 0.60
N GLY A 145 6.13 -17.23 1.08
CA GLY A 145 7.19 -17.82 0.27
C GLY A 145 8.48 -17.02 0.29
N ARG A 146 8.54 -15.98 1.12
CA ARG A 146 9.68 -15.10 1.14
C ARG A 146 10.11 -14.81 2.57
N THR A 147 11.29 -14.22 2.71
CA THR A 147 11.77 -13.71 3.97
C THR A 147 11.60 -12.19 3.94
N TRP A 148 11.10 -11.64 5.04
CA TRP A 148 10.85 -10.19 5.17
C TRP A 148 11.65 -9.63 6.33
N ASP A 149 12.12 -8.40 6.17
CA ASP A 149 12.57 -7.61 7.31
C ASP A 149 11.36 -6.86 7.83
N LEU A 150 10.92 -7.20 9.03
CA LEU A 150 9.82 -6.49 9.67
C LEU A 150 10.36 -5.28 10.41
N TRP A 151 9.80 -4.12 10.11
CA TRP A 151 10.06 -2.88 10.80
C TRP A 151 8.80 -2.48 11.55
N THR A 152 8.97 -1.89 12.73
CA THR A 152 7.81 -1.39 13.50
C THR A 152 8.11 -0.05 14.10
N GLY A 153 7.07 0.76 14.24
CA GLY A 153 7.18 2.02 14.94
C GLY A 153 5.83 2.69 14.96
N TYR A 154 5.84 4.00 15.17
CA TYR A 154 4.60 4.77 15.29
C TYR A 154 4.58 5.95 14.33
N ASN A 155 3.41 6.19 13.76
CA ASN A 155 3.08 7.40 13.04
C ASN A 155 1.97 8.05 13.86
N GLY A 156 2.32 9.05 14.66
CA GLY A 156 1.39 9.58 15.63
C GLY A 156 1.14 8.50 16.67
N ASN A 157 -0.14 8.20 16.88
CA ASN A 157 -0.57 7.17 17.81
C ASN A 157 -0.74 5.80 17.14
N MET A 158 -0.56 5.77 15.82
CA MET A 158 -0.81 4.58 15.00
C MET A 158 0.43 3.71 14.94
N ARG A 159 0.28 2.45 15.32
CA ARG A 159 1.35 1.45 15.25
CA ARG A 159 1.41 1.52 15.22
C ARG A 159 1.46 0.97 13.80
N VAL A 160 2.67 1.02 13.23
CA VAL A 160 2.94 0.66 11.84
C VAL A 160 3.87 -0.56 11.79
N TYR A 161 3.40 -1.62 11.14
CA TYR A 161 4.16 -2.82 10.86
C TYR A 161 4.44 -2.84 9.36
N SER A 162 5.71 -2.71 8.97
CA SER A 162 6.11 -2.75 7.57
C SER A 162 7.00 -3.93 7.27
N PHE A 163 6.59 -4.74 6.31
CA PHE A 163 7.35 -5.93 5.92
C PHE A 163 8.11 -5.58 4.63
N LEU A 164 9.44 -5.63 4.67
CA LEU A 164 10.28 -5.17 3.58
C LEU A 164 11.06 -6.31 2.94
N PRO A 165 11.35 -6.22 1.64
CA PRO A 165 12.26 -7.18 1.01
C PRO A 165 13.69 -6.90 1.46
N PRO A 166 14.43 -7.91 1.92
CA PRO A 166 15.83 -7.66 2.31
C PRO A 166 16.71 -7.19 1.15
N SER A 167 16.36 -7.59 -0.07
N SER A 167 16.40 -7.60 -0.07
CA SER A 167 17.14 -7.30 -1.26
CA SER A 167 17.16 -7.17 -1.23
C SER A 167 16.23 -7.14 -2.46
C SER A 167 16.34 -7.21 -2.51
N GLY A 168 16.55 -6.20 -3.34
CA GLY A 168 15.87 -6.09 -4.62
C GLY A 168 14.41 -5.71 -4.49
N ASP A 169 13.67 -5.94 -5.57
CA ASP A 169 12.24 -5.70 -5.58
C ASP A 169 11.48 -6.96 -5.96
N ILE A 170 10.15 -6.87 -5.92
CA ILE A 170 9.26 -7.99 -6.17
C ILE A 170 8.17 -7.50 -7.11
N ARG A 171 8.43 -7.61 -8.41
CA ARG A 171 7.55 -7.03 -9.40
C ARG A 171 6.36 -7.91 -9.76
N ASP A 172 6.37 -9.16 -9.32
CA ASP A 172 5.21 -10.03 -9.44
C ASP A 172 5.04 -10.75 -8.13
N PHE A 173 3.91 -10.54 -7.48
CA PHE A 173 3.69 -10.96 -6.11
C PHE A 173 2.27 -11.42 -5.90
N SER A 174 2.10 -12.45 -5.09
N SER A 174 2.13 -12.48 -5.11
CA SER A 174 0.79 -12.80 -4.59
CA SER A 174 0.83 -12.93 -4.62
C SER A 174 0.91 -13.32 -3.18
C SER A 174 0.97 -13.22 -3.13
N CYS A 175 -0.13 -13.07 -2.39
CA CYS A 175 -0.13 -13.45 -0.99
C CYS A 175 -1.52 -13.47 -0.45
N ASP A 176 -1.60 -13.93 0.80
CA ASP A 176 -2.81 -13.81 1.60
C ASP A 176 -2.43 -12.91 2.76
N ILE A 177 -2.96 -11.69 2.78
CA ILE A 177 -2.59 -10.74 3.81
C ILE A 177 -3.00 -11.23 5.19
N LYS A 178 -3.99 -12.11 5.28
CA LYS A 178 -4.29 -12.68 6.59
C LYS A 178 -3.12 -13.49 7.18
N ASP A 179 -2.20 -14.00 6.36
CA ASP A 179 -1.01 -14.67 6.91
C ASP A 179 -0.17 -13.68 7.71
N PHE A 180 -0.12 -12.45 7.23
CA PHE A 180 0.63 -11.39 7.89
C PHE A 180 -0.08 -10.95 9.16
N PHE A 181 -1.38 -10.72 9.10
CA PHE A 181 -2.13 -10.41 10.31
C PHE A 181 -2.04 -11.53 11.35
N ASN A 182 -2.12 -12.79 10.91
CA ASN A 182 -2.10 -13.92 11.85
C ASN A 182 -0.74 -13.96 12.54
N TYR A 183 0.34 -13.69 11.80
CA TYR A 183 1.68 -13.62 12.37
C TYR A 183 1.74 -12.53 13.44
N LEU A 184 1.18 -11.36 13.16
CA LEU A 184 1.17 -10.25 14.11
C LEU A 184 0.32 -10.58 15.34
N GLU A 185 -0.80 -11.27 15.12
CA GLU A 185 -1.67 -11.64 16.22
C GLU A 185 -0.95 -12.58 17.18
N ARG A 186 -0.24 -13.56 16.63
CA ARG A 186 0.44 -14.56 17.43
C ARG A 186 1.63 -13.94 18.17
N ASN A 187 2.51 -13.27 17.43
CA ASN A 187 3.84 -12.92 17.97
C ASN A 187 4.01 -11.48 18.42
N HIS A 188 3.05 -10.63 18.09
CA HIS A 188 3.12 -9.19 18.41
C HIS A 188 1.91 -8.70 19.19
N GLY A 189 1.02 -9.60 19.59
CA GLY A 189 -0.14 -9.22 20.38
C GLY A 189 -1.10 -8.32 19.63
N TYR A 190 -1.09 -8.37 18.30
CA TYR A 190 -1.99 -7.53 17.51
C TYR A 190 -3.43 -7.95 17.84
N PRO A 191 -4.27 -7.01 18.31
CA PRO A 191 -5.61 -7.33 18.81
C PRO A 191 -6.66 -7.49 17.70
N ALA A 192 -6.50 -8.54 16.92
CA ALA A 192 -7.36 -8.81 15.76
C ALA A 192 -8.83 -8.93 16.09
N ARG A 193 -9.17 -9.36 17.31
CA ARG A 193 -10.56 -9.51 17.69
C ARG A 193 -11.26 -8.18 17.99
N GLU A 194 -10.48 -7.11 18.15
CA GLU A 194 -11.00 -5.78 18.44
C GLU A 194 -10.88 -4.82 17.25
N GLN A 195 -10.10 -5.18 16.24
CA GLN A 195 -9.75 -4.28 15.14
C GLN A 195 -10.59 -4.57 13.90
N ASN A 196 -11.16 -3.53 13.32
CA ASN A 196 -11.94 -3.60 12.10
C ASN A 196 -11.12 -3.17 10.88
N LEU A 197 -11.34 -3.83 9.75
CA LEU A 197 -10.66 -3.44 8.51
C LEU A 197 -11.17 -2.09 8.03
N ILE A 198 -10.25 -1.18 7.69
CA ILE A 198 -10.60 0.15 7.20
C ILE A 198 -10.26 0.32 5.72
N VAL A 199 -9.02 0.01 5.31
CA VAL A 199 -8.66 0.01 3.89
C VAL A 199 -7.78 -1.20 3.52
N TYR A 200 -7.75 -1.49 2.22
CA TYR A 200 -7.04 -2.65 1.65
C TYR A 200 -6.57 -2.23 0.27
N GLN A 201 -5.30 -1.80 0.17
CA GLN A 201 -4.81 -1.08 -1.00
C GLN A 201 -3.44 -1.54 -1.46
N VAL A 202 -3.11 -1.28 -2.72
CA VAL A 202 -1.72 -1.32 -3.18
C VAL A 202 -1.43 -0.06 -3.98
N GLY A 203 -0.20 0.42 -3.92
CA GLY A 203 0.17 1.63 -4.61
C GLY A 203 1.64 1.93 -4.47
N THR A 204 2.01 3.17 -4.71
CA THR A 204 3.41 3.59 -4.68
C THR A 204 3.54 4.89 -3.90
N GLU A 205 4.33 4.85 -2.83
CA GLU A 205 4.67 6.07 -2.09
C GLU A 205 5.79 6.76 -2.82
N CYS A 206 5.57 8.01 -3.18
CA CYS A 206 6.51 8.77 -4.00
C CYS A 206 7.06 9.93 -3.18
N PHE A 207 8.38 10.01 -3.08
CA PHE A 207 9.05 11.03 -2.27
C PHE A 207 9.70 12.09 -3.17
N THR A 208 10.69 11.69 -3.97
CA THR A 208 11.36 12.62 -4.89
C THR A 208 11.86 11.87 -6.09
N GLY A 209 12.13 12.62 -7.16
CA GLY A 209 12.70 12.08 -8.38
C GLY A 209 11.78 12.21 -9.56
N GLY A 210 12.14 11.52 -10.63
CA GLY A 210 11.34 11.50 -11.83
C GLY A 210 11.89 12.44 -12.90
N PRO A 211 11.21 12.52 -14.03
CA PRO A 211 9.96 11.82 -14.33
C PRO A 211 10.03 10.29 -14.22
N ALA A 212 9.06 9.71 -13.52
CA ALA A 212 9.01 8.28 -13.28
C ALA A 212 7.61 7.80 -13.59
N ARG A 213 7.51 6.53 -13.93
CA ARG A 213 6.22 5.94 -14.21
C ARG A 213 6.12 4.54 -13.60
N PHE A 214 5.10 4.36 -12.78
CA PHE A 214 4.70 3.09 -12.19
C PHE A 214 3.58 2.52 -13.05
N THR A 215 3.74 1.30 -13.51
CA THR A 215 2.70 0.60 -14.25
C THR A 215 2.27 -0.61 -13.46
N CYS A 216 0.99 -0.68 -13.11
CA CYS A 216 0.40 -1.86 -12.54
C CYS A 216 -0.23 -2.62 -13.69
N ARG A 217 0.47 -3.65 -14.12
CA ARG A 217 0.01 -4.51 -15.20
C ARG A 217 -1.25 -5.28 -14.84
N ASP A 218 -1.39 -5.62 -13.55
CA ASP A 218 -2.61 -6.24 -13.05
C ASP A 218 -2.64 -6.21 -11.55
N PHE A 219 -3.82 -5.93 -11.00
CA PHE A 219 -4.08 -6.03 -9.56
C PHE A 219 -5.39 -6.74 -9.34
N ARG A 220 -5.39 -7.70 -8.42
CA ARG A 220 -6.61 -8.37 -7.99
C ARG A 220 -6.58 -8.46 -6.48
N ALA A 221 -7.73 -8.34 -5.86
CA ALA A 221 -7.84 -8.51 -4.42
C ALA A 221 -9.22 -9.02 -4.07
N ASP A 222 -9.23 -9.96 -3.16
CA ASP A 222 -10.47 -10.52 -2.63
C ASP A 222 -10.35 -10.61 -1.13
N LEU A 223 -11.48 -10.79 -0.47
CA LEU A 223 -11.46 -11.23 0.90
C LEU A 223 -12.70 -12.03 1.20
N TRP A 224 -12.53 -13.00 2.08
N TRP A 224 -12.56 -12.92 2.19
CA TRP A 224 -13.63 -13.84 2.53
CA TRP A 224 -13.67 -13.70 2.74
C TRP A 224 -13.63 -13.81 4.03
C TRP A 224 -13.32 -14.32 4.09
C2 BGC B . 10.62 9.94 8.44
C3 BGC B . 9.55 8.94 8.05
C4 BGC B . 9.75 8.47 6.60
C5 BGC B . 11.21 8.19 6.26
C6 BGC B . 11.43 7.99 4.76
C1 BGC B . 12.00 9.40 8.09
O1 BGC B . 12.99 10.31 8.52
O2 BGC B . 10.53 10.21 9.83
O3 BGC B . 8.28 9.54 8.18
O4 BGC B . 9.08 7.24 6.47
O5 BGC B . 12.03 9.27 6.69
O6 BGC B . 12.78 7.66 4.45
C2 BGC B . 7.50 5.84 5.36
C3 BGC B . 6.09 5.74 4.79
C4 BGC B . 5.07 6.48 5.67
C5 BGC B . 5.57 7.90 5.92
C6 BGC B . 4.59 8.70 6.77
C1 BGC B . 7.84 7.29 5.74
O2 BGC B . 8.43 5.37 4.42
O3 BGC B . 5.79 4.35 4.63
O4 BGC B . 3.80 6.54 5.03
O5 BGC B . 6.82 7.82 6.56
O6 BGC B . 5.17 9.94 7.10
C2 BGC B . 1.98 6.34 6.68
C3 BGC B . 0.50 6.51 6.36
C4 BGC B . 0.35 6.82 4.88
C5 BGC B . 0.84 5.63 4.08
C6 BGC B . 0.85 5.93 2.56
C1 BGC B . 2.82 5.63 5.59
O2 BGC B . 2.16 5.75 7.96
O3 BGC B . 0.00 7.60 7.09
O4 BGC B . -1.01 6.89 4.54
O5 BGC B . 2.06 5.07 4.52
O6 BGC B . 1.51 7.13 2.23
C2 BGC B . -2.83 8.02 3.48
C3 BGC B . -3.58 9.34 3.27
C4 BGC B . -3.54 10.24 4.52
C5 BGC B . -2.15 10.30 5.13
C6 BGC B . -2.21 11.07 6.46
C1 BGC B . -1.49 8.20 4.20
O2 BGC B . -2.69 7.36 2.22
O3 BGC B . -4.91 9.01 2.95
O4 BGC B . -4.03 11.55 4.27
O5 BGC B . -1.61 9.01 5.36
O6 BGC B . -0.90 11.27 6.97
S SO4 C . -11.28 11.30 -18.57
O1 SO4 C . -10.70 10.35 -19.53
O2 SO4 C . -10.49 11.26 -17.34
O3 SO4 C . -11.24 12.65 -19.12
O4 SO4 C . -12.67 10.91 -18.28
O1 PG4 D . 0.88 -9.40 -15.85
C1 PG4 D . 1.23 -10.66 -15.30
C2 PG4 D . 1.78 -11.57 -16.40
O2 PG4 D . 2.81 -12.40 -15.86
C3 PG4 D . 4.13 -11.97 -16.15
C4 PG4 D . 4.59 -12.48 -17.52
O3 PG4 D . 5.83 -11.84 -17.88
C5 PG4 D . 5.96 -11.54 -19.27
C6 PG4 D . 7.05 -10.49 -19.46
O4 PG4 D . 6.54 -9.19 -19.13
C7 PG4 D . 6.41 -8.31 -20.24
C8 PG4 D . 6.06 -6.90 -19.77
O5 PG4 D . 6.89 -6.50 -18.70
#